data_5CNR
#
_entry.id   5CNR
#
_cell.length_a   59.934
_cell.length_b   59.934
_cell.length_c   262.622
_cell.angle_alpha   90.00
_cell.angle_beta   90.00
_cell.angle_gamma   120.00
#
_symmetry.space_group_name_H-M   'H 3 2'
#
loop_
_entity.id
_entity.type
_entity.pdbx_description
1 polymer "RNA (5'-R(*GP*UP*CP*UP*AP*CP*CP*CP*AP*CP*CP*UP*CP*GP*CP*C)-3')"
2 polymer "RNA (5'-R(*AP*GP*AP*GP*GP*AP*CP*GP*GP*CP*G)-3')"
3 non-polymer 'CHLORIDE ION'
#
loop_
_entity_poly.entity_id
_entity_poly.type
_entity_poly.pdbx_seq_one_letter_code
_entity_poly.pdbx_strand_id
1 'polyribonucleotide' GUCUACCCACCUCGCC A,E
2 'polyribonucleotide' AGAGGACGGCG B,F
#
loop_
_chem_comp.id
_chem_comp.type
_chem_comp.name
_chem_comp.formula
A RNA linking ADENOSINE-5'-MONOPHOSPHATE 'C10 H14 N5 O7 P'
C RNA linking CYTIDINE-5'-MONOPHOSPHATE 'C9 H14 N3 O8 P'
CL non-polymer 'CHLORIDE ION' 'Cl -1'
G RNA linking GUANOSINE-5'-MONOPHOSPHATE 'C10 H14 N5 O8 P'
U RNA linking URIDINE-5'-MONOPHOSPHATE 'C9 H13 N2 O9 P'
#
# COMPACT_ATOMS: atom_id res chain seq x y z
CL CL E . 0.00 0.00 0.00
#